data_3GH5
#
_entry.id   3GH5
#
_cell.length_a   95.328
_cell.length_b   101.734
_cell.length_c   107.818
_cell.angle_alpha   90.00
_cell.angle_beta   90.00
_cell.angle_gamma   90.00
#
_symmetry.space_group_name_H-M   'C 2 2 21'
#
loop_
_entity.id
_entity.type
_entity.pdbx_description
1 polymer beta-hexosaminidase
2 non-polymer 'SULFATE ION'
3 non-polymer 2-acetamido-2-deoxy-beta-D-glucopyranose
4 water water
#
_entity_poly.entity_id   1
_entity_poly.type   'polypeptide(L)'
_entity_poly.pdbx_seq_one_letter_code
;MGSSHHHHHHSSGLVPRGSHMASMMSFIPESASASTSQPSILPKPVSYTVGSGQFVLTKNASIFVAGNNVGETDELFNIG
QALAKKLNASTGYTISVVKSNQPTAGSIYLTTVGGNAALGNEGYDLITTSNQVTLTANKPEGVFRGNQTLLQLLPAGIEK
NTVVSGVQWVIPHSNISDKPEYEYRGLMLDVARHFFTVDEVKRQIDLASQYKINKFHMHLSDDQGWRIEIKSWPDLIEIG
SKGQVGGGPGGYYTQEQFKDIVSYAAERYIEVIPEIDMPGHTNAALASYGELNPDGKRKAMRTDTAVGYSTLMPRAEITY
QFVEDVISELAAISPSPYIHLGGDESNATSAADYDYFFGRVTAIANSYGKKVVGWDPSDTSSGATSDSVLQNWTCSASTG
TAAKAKGMKVIVSPANAYLDMKYYSDSPIGLQWRGFVNTNRAYNWDPTDCIKGANIYGVESTLWTETFVTQDHLDYMLYP
KLLSNAEVGWTARGDRNWDDFKERLIEHTPRLQNKGIKFFADPIV
;
_entity_poly.pdbx_strand_id   A
#
loop_
_chem_comp.id
_chem_comp.type
_chem_comp.name
_chem_comp.formula
NAG D-saccharide, beta linking 2-acetamido-2-deoxy-beta-D-glucopyranose 'C8 H15 N O6'
SO4 non-polymer 'SULFATE ION' 'O4 S -2'
#
# COMPACT_ATOMS: atom_id res chain seq x y z
N HIS A 7 -38.76 -8.38 -2.66
CA HIS A 7 -37.85 -7.45 -3.38
C HIS A 7 -36.98 -8.13 -4.45
N HIS A 8 -36.56 -7.34 -5.43
CA HIS A 8 -35.79 -7.84 -6.56
C HIS A 8 -34.35 -7.38 -6.48
N HIS A 9 -33.44 -8.30 -6.78
CA HIS A 9 -32.00 -8.04 -6.69
C HIS A 9 -31.28 -8.58 -7.92
N HIS A 10 -30.10 -8.03 -8.20
CA HIS A 10 -29.28 -8.52 -9.29
C HIS A 10 -27.80 -8.21 -9.06
N SER A 11 -26.95 -8.95 -9.77
CA SER A 11 -25.53 -8.66 -9.88
C SER A 11 -25.23 -7.95 -11.20
N SER A 12 -24.07 -7.30 -11.26
CA SER A 12 -23.65 -6.48 -12.41
C SER A 12 -23.06 -7.31 -13.55
N GLY A 13 -23.46 -6.96 -14.77
CA GLY A 13 -22.79 -7.47 -15.97
C GLY A 13 -21.96 -6.37 -16.59
N LEU A 14 -21.35 -6.65 -17.74
CA LEU A 14 -20.60 -5.60 -18.45
C LEU A 14 -21.53 -4.49 -18.93
N VAL A 15 -20.99 -3.28 -19.03
CA VAL A 15 -21.79 -2.13 -19.46
C VAL A 15 -22.04 -2.20 -20.96
N PRO A 16 -23.31 -2.09 -21.38
CA PRO A 16 -23.55 -2.04 -22.81
C PRO A 16 -22.79 -0.88 -23.46
N ARG A 17 -22.18 -1.17 -24.61
CA ARG A 17 -21.47 -0.17 -25.41
C ARG A 17 -20.12 0.26 -24.82
N GLY A 18 -19.69 -0.45 -23.78
CA GLY A 18 -18.31 -0.31 -23.28
C GLY A 18 -18.16 0.42 -21.97
N SER A 19 -16.93 0.44 -21.45
CA SER A 19 -16.65 1.06 -20.15
C SER A 19 -17.06 2.52 -20.12
N HIS A 20 -17.70 2.94 -19.03
CA HIS A 20 -17.92 4.38 -18.76
C HIS A 20 -16.62 5.14 -18.54
N MET A 21 -15.57 4.41 -18.17
CA MET A 21 -14.24 5.00 -17.98
C MET A 21 -13.55 5.28 -19.32
N ALA A 22 -14.31 5.08 -20.41
CA ALA A 22 -13.83 5.35 -21.77
C ALA A 22 -13.92 6.82 -22.28
N SER A 23 -15.04 7.57 -22.31
CA SER A 23 -16.52 7.25 -22.36
C SER A 23 -17.39 8.37 -21.73
N MET A 24 -17.28 8.54 -20.42
CA MET A 24 -17.86 9.72 -19.75
C MET A 24 -17.03 10.97 -20.06
N SER A 37 -18.31 21.36 -7.17
CA SER A 37 -19.69 21.00 -7.47
C SER A 37 -19.91 19.49 -7.54
N GLN A 38 -18.91 18.74 -8.01
CA GLN A 38 -18.94 17.26 -7.95
C GLN A 38 -17.71 16.61 -7.33
N PRO A 39 -17.65 16.59 -5.99
CA PRO A 39 -16.65 15.83 -5.26
C PRO A 39 -16.65 14.35 -5.61
N SER A 40 -15.50 13.72 -5.48
CA SER A 40 -15.38 12.30 -5.77
C SER A 40 -14.54 11.63 -4.70
N ILE A 41 -15.17 11.37 -3.54
CA ILE A 41 -14.44 10.83 -2.40
C ILE A 41 -14.36 9.32 -2.44
N LEU A 42 -13.12 8.83 -2.42
CA LEU A 42 -12.85 7.41 -2.49
C LEU A 42 -11.59 7.21 -1.63
N PRO A 43 -11.67 6.36 -0.60
CA PRO A 43 -12.80 5.54 -0.17
C PRO A 43 -13.96 6.36 0.38
N LYS A 44 -15.14 5.75 0.37
CA LYS A 44 -16.35 6.39 0.94
C LYS A 44 -16.16 6.71 2.42
N PRO A 45 -16.39 7.97 2.82
CA PRO A 45 -16.22 8.35 4.22
C PRO A 45 -17.41 7.94 5.08
N VAL A 46 -17.22 7.90 6.40
CA VAL A 46 -18.30 7.51 7.31
C VAL A 46 -19.55 8.38 7.11
N SER A 47 -19.36 9.67 6.93
CA SER A 47 -20.48 10.56 6.66
C SER A 47 -20.07 11.72 5.78
N TYR A 48 -20.99 12.14 4.92
CA TYR A 48 -20.78 13.23 4.01
C TYR A 48 -22.13 13.88 3.73
N THR A 49 -22.28 15.14 4.13
CA THR A 49 -23.50 15.86 3.81
C THR A 49 -23.13 17.19 3.17
N VAL A 50 -24.00 17.67 2.29
CA VAL A 50 -23.76 18.89 1.56
C VAL A 50 -24.86 19.89 1.89
N GLY A 51 -24.45 21.13 2.19
CA GLY A 51 -25.39 22.22 2.45
C GLY A 51 -25.38 23.23 1.33
N SER A 52 -26.10 24.34 1.50
CA SER A 52 -26.16 25.34 0.45
C SER A 52 -24.91 26.21 0.48
N GLY A 53 -24.52 26.72 -0.67
CA GLY A 53 -23.37 27.61 -0.79
C GLY A 53 -22.08 26.88 -1.11
N GLN A 54 -20.99 27.65 -1.21
CA GLN A 54 -19.71 27.09 -1.57
C GLN A 54 -18.53 27.92 -1.07
N PHE A 55 -17.40 27.25 -0.96
CA PHE A 55 -16.12 27.88 -0.65
C PHE A 55 -15.39 28.05 -1.97
N VAL A 56 -14.71 29.18 -2.12
CA VAL A 56 -13.89 29.42 -3.30
C VAL A 56 -12.43 29.53 -2.89
N LEU A 57 -11.59 28.64 -3.42
CA LEU A 57 -10.15 28.75 -3.26
C LEU A 57 -9.58 29.76 -4.25
N THR A 58 -9.03 30.85 -3.72
CA THR A 58 -8.48 31.92 -4.57
C THR A 58 -6.95 32.07 -4.39
N LYS A 59 -6.34 32.88 -5.24
CA LYS A 59 -4.89 33.04 -5.26
C LYS A 59 -4.33 33.57 -3.96
N ASN A 60 -5.20 34.18 -3.15
CA ASN A 60 -4.79 34.79 -1.89
C ASN A 60 -4.91 33.88 -0.67
N ALA A 61 -5.45 32.68 -0.87
CA ALA A 61 -5.65 31.72 0.22
C ALA A 61 -4.35 31.33 0.91
N SER A 62 -4.43 31.15 2.23
CA SER A 62 -3.34 30.56 3.00
C SER A 62 -3.85 29.31 3.70
N ILE A 63 -2.91 28.44 4.09
CA ILE A 63 -3.22 27.30 4.95
C ILE A 63 -2.72 27.66 6.35
N PHE A 64 -3.65 27.69 7.30
CA PHE A 64 -3.31 27.94 8.70
C PHE A 64 -3.22 26.61 9.43
N VAL A 65 -2.24 26.48 10.32
CA VAL A 65 -2.09 25.24 11.10
C VAL A 65 -1.98 25.52 12.60
N ALA A 66 -2.59 24.65 13.41
CA ALA A 66 -2.53 24.84 14.86
C ALA A 66 -2.68 23.52 15.59
N GLY A 67 -1.65 23.15 16.34
CA GLY A 67 -1.69 21.93 17.14
C GLY A 67 -1.80 22.23 18.61
N ASN A 68 -1.72 21.19 19.43
CA ASN A 68 -1.91 21.37 20.88
C ASN A 68 -0.68 21.88 21.62
N ASN A 69 0.46 21.84 20.93
CA ASN A 69 1.72 22.36 21.42
C ASN A 69 2.59 22.69 20.22
N VAL A 70 3.72 23.36 20.46
CA VAL A 70 4.54 23.83 19.35
C VAL A 70 5.08 22.68 18.49
N GLY A 71 5.42 21.56 19.11
CA GLY A 71 5.92 20.40 18.39
C GLY A 71 4.87 19.86 17.42
N GLU A 72 3.63 19.78 17.90
CA GLU A 72 2.56 19.29 17.05
C GLU A 72 2.26 20.29 15.92
N THR A 73 2.28 21.58 16.25
CA THR A 73 2.09 22.61 15.23
C THR A 73 3.16 22.51 14.15
N ASP A 74 4.40 22.21 14.54
CA ASP A 74 5.48 22.09 13.56
C ASP A 74 5.21 20.91 12.61
N GLU A 75 4.71 19.81 13.14
CA GLU A 75 4.35 18.65 12.30
C GLU A 75 3.21 19.00 11.34
N LEU A 76 2.20 19.71 11.84
CA LEU A 76 1.09 20.16 11.00
C LEU A 76 1.57 21.08 9.90
N PHE A 77 2.54 21.94 10.23
CA PHE A 77 3.14 22.85 9.26
C PHE A 77 3.72 22.09 8.06
N ASN A 78 4.45 21.00 8.33
CA ASN A 78 4.95 20.15 7.24
C ASN A 78 3.84 19.54 6.38
N ILE A 79 2.78 19.07 7.04
CA ILE A 79 1.62 18.53 6.34
C ILE A 79 0.98 19.63 5.49
N GLY A 80 0.86 20.83 6.06
CA GLY A 80 0.31 21.98 5.36
C GLY A 80 1.12 22.31 4.12
N GLN A 81 2.45 22.26 4.23
CA GLN A 81 3.33 22.53 3.10
C GLN A 81 3.14 21.51 1.98
N ALA A 82 2.93 20.25 2.33
CA ALA A 82 2.69 19.17 1.36
C ALA A 82 1.40 19.46 0.59
N LEU A 83 0.39 19.90 1.33
CA LEU A 83 -0.90 20.26 0.74
C LEU A 83 -0.76 21.47 -0.19
N ALA A 84 -0.09 22.50 0.29
CA ALA A 84 0.15 23.73 -0.49
C ALA A 84 0.83 23.42 -1.83
N LYS A 85 1.85 22.56 -1.79
CA LYS A 85 2.54 22.13 -2.99
C LYS A 85 1.58 21.51 -4.01
N LYS A 86 0.73 20.58 -3.55
CA LYS A 86 -0.24 19.92 -4.44
C LYS A 86 -1.23 20.91 -5.03
N LEU A 87 -1.77 21.77 -4.17
CA LEU A 87 -2.74 22.78 -4.60
C LEU A 87 -2.13 23.77 -5.57
N ASN A 88 -0.87 24.16 -5.30
CA ASN A 88 -0.15 25.11 -6.14
C ASN A 88 0.11 24.58 -7.55
N ALA A 89 0.34 23.27 -7.67
CA ALA A 89 0.73 22.67 -8.95
C ALA A 89 -0.36 22.83 -10.00
N SER A 90 -1.62 22.66 -9.58
CA SER A 90 -2.77 22.72 -10.48
C SER A 90 -3.40 24.11 -10.57
N THR A 91 -3.41 24.86 -9.47
CA THR A 91 -4.05 26.19 -9.47
C THR A 91 -3.12 27.24 -10.05
N GLY A 92 -1.82 26.98 -9.96
CA GLY A 92 -0.82 28.00 -10.30
C GLY A 92 -0.67 29.05 -9.21
N TYR A 93 -1.32 28.83 -8.06
CA TYR A 93 -1.20 29.77 -6.95
C TYR A 93 0.10 29.53 -6.19
N THR A 94 0.41 30.44 -5.27
CA THR A 94 1.48 30.23 -4.31
C THR A 94 0.90 30.37 -2.89
N ILE A 95 0.10 29.38 -2.53
CA ILE A 95 -0.47 29.26 -1.20
C ILE A 95 0.65 28.96 -0.22
N SER A 96 0.69 29.75 0.85
CA SER A 96 1.69 29.61 1.90
C SER A 96 1.04 29.09 3.18
N VAL A 97 1.87 28.64 4.10
CA VAL A 97 1.41 28.03 5.33
C VAL A 97 1.81 28.93 6.51
N VAL A 98 0.89 29.08 7.45
CA VAL A 98 1.02 30.03 8.56
C VAL A 98 0.73 29.26 9.84
N LYS A 99 1.59 29.45 10.85
CA LYS A 99 1.34 28.85 12.17
C LYS A 99 0.48 29.81 12.97
N SER A 100 -0.82 29.57 12.97
CA SER A 100 -1.76 30.45 13.66
C SER A 100 -3.10 29.75 13.77
N ASN A 101 -3.80 29.99 14.88
CA ASN A 101 -5.16 29.51 15.04
C ASN A 101 -6.20 30.59 14.75
N GLN A 102 -5.80 31.61 13.98
CA GLN A 102 -6.72 32.69 13.61
C GLN A 102 -6.86 32.81 12.09
N PRO A 103 -7.38 31.76 11.46
CA PRO A 103 -7.51 31.79 10.01
C PRO A 103 -8.41 32.92 9.54
N THR A 104 -8.07 33.39 8.34
CA THR A 104 -8.63 34.55 7.70
C THR A 104 -9.69 34.02 6.70
N ALA A 105 -10.66 34.85 6.28
CA ALA A 105 -11.65 34.40 5.29
C ALA A 105 -10.94 33.90 4.03
N GLY A 106 -11.38 32.76 3.51
CA GLY A 106 -10.78 32.15 2.31
C GLY A 106 -9.66 31.16 2.61
N SER A 107 -9.40 30.94 3.91
CA SER A 107 -8.31 30.06 4.37
C SER A 107 -8.72 28.59 4.43
N ILE A 108 -7.72 27.72 4.30
CA ILE A 108 -7.84 26.33 4.78
C ILE A 108 -7.18 26.27 6.16
N TYR A 109 -7.86 25.62 7.10
CA TYR A 109 -7.39 25.54 8.47
C TYR A 109 -7.25 24.08 8.89
N LEU A 110 -6.04 23.71 9.31
CA LEU A 110 -5.76 22.35 9.75
C LEU A 110 -5.41 22.37 11.23
N THR A 111 -6.18 21.62 12.03
CA THR A 111 -5.97 21.64 13.46
C THR A 111 -6.19 20.28 14.12
N THR A 112 -5.45 20.05 15.20
CA THR A 112 -5.65 18.89 16.07
C THR A 112 -6.24 19.31 17.43
N VAL A 113 -6.61 20.59 17.56
CA VAL A 113 -7.15 21.09 18.83
C VAL A 113 -8.61 20.71 18.94
N GLY A 114 -8.92 19.79 19.86
CA GLY A 114 -10.29 19.36 20.10
C GLY A 114 -10.79 18.25 19.19
N GLY A 115 -9.87 17.48 18.59
CA GLY A 115 -10.25 16.28 17.83
C GLY A 115 -11.23 15.37 18.55
N ASN A 116 -12.13 14.76 17.79
CA ASN A 116 -13.06 13.76 18.32
C ASN A 116 -12.32 12.43 18.50
N ALA A 117 -12.02 12.07 19.75
CA ALA A 117 -11.22 10.88 20.07
C ALA A 117 -11.78 9.57 19.50
N ALA A 118 -13.09 9.53 19.31
CA ALA A 118 -13.73 8.33 18.78
C ALA A 118 -13.28 8.04 17.34
N LEU A 119 -12.73 9.04 16.68
CA LEU A 119 -12.28 8.87 15.29
C LEU A 119 -10.86 8.28 15.19
N GLY A 120 -10.17 8.15 16.33
CA GLY A 120 -8.84 7.52 16.35
C GLY A 120 -7.72 8.29 15.67
N ASN A 121 -6.55 7.65 15.53
CA ASN A 121 -5.37 8.32 14.99
C ASN A 121 -5.55 8.79 13.56
N GLU A 122 -6.35 8.07 12.78
CA GLU A 122 -6.45 8.34 11.36
C GLU A 122 -7.72 9.10 10.98
N GLY A 123 -8.61 9.29 11.96
CA GLY A 123 -9.90 9.92 11.71
C GLY A 123 -9.85 11.44 11.72
N TYR A 124 -10.91 12.05 11.22
CA TYR A 124 -10.95 13.50 11.08
C TYR A 124 -12.39 13.95 10.82
N ASP A 125 -12.63 15.22 11.16
CA ASP A 125 -13.78 15.97 10.65
C ASP A 125 -13.26 16.98 9.61
N LEU A 126 -14.05 17.16 8.55
CA LEU A 126 -13.71 18.13 7.52
C LEU A 126 -14.96 18.92 7.19
N ILE A 127 -14.98 20.18 7.60
CA ILE A 127 -16.16 21.02 7.46
C ILE A 127 -15.82 22.22 6.62
N THR A 128 -16.56 22.37 5.52
CA THR A 128 -16.34 23.45 4.58
C THR A 128 -17.51 24.42 4.66
N THR A 129 -17.17 25.67 4.92
CA THR A 129 -18.16 26.76 4.98
C THR A 129 -17.85 27.71 3.82
N SER A 130 -18.64 28.76 3.65
CA SER A 130 -18.36 29.71 2.59
C SER A 130 -17.02 30.43 2.77
N ASN A 131 -16.65 30.70 4.03
CA ASN A 131 -15.42 31.44 4.30
C ASN A 131 -14.19 30.58 4.60
N GLN A 132 -14.41 29.30 4.94
CA GLN A 132 -13.28 28.53 5.50
C GLN A 132 -13.44 27.02 5.35
N VAL A 133 -12.32 26.35 5.06
CA VAL A 133 -12.24 24.90 5.13
C VAL A 133 -11.54 24.58 6.44
N THR A 134 -12.16 23.75 7.27
CA THR A 134 -11.54 23.39 8.54
C THR A 134 -11.47 21.88 8.70
N LEU A 135 -10.23 21.38 8.84
CA LEU A 135 -9.99 19.97 9.06
C LEU A 135 -9.56 19.82 10.51
N THR A 136 -10.35 19.08 11.30
CA THR A 136 -10.07 18.84 12.72
C THR A 136 -9.81 17.36 12.97
N ALA A 137 -8.62 17.05 13.47
CA ALA A 137 -8.24 15.65 13.71
C ALA A 137 -7.67 15.48 15.12
N ASN A 138 -7.49 14.23 15.54
CA ASN A 138 -6.84 13.91 16.82
C ASN A 138 -5.32 13.99 16.75
N LYS A 139 -4.79 13.61 15.59
CA LYS A 139 -3.35 13.53 15.37
C LYS A 139 -3.01 14.09 14.00
N PRO A 140 -1.75 14.53 13.83
CA PRO A 140 -1.28 14.91 12.50
C PRO A 140 -1.58 13.85 11.42
N GLU A 141 -1.43 12.57 11.75
CA GLU A 141 -1.75 11.49 10.80
C GLU A 141 -3.15 11.67 10.20
N GLY A 142 -4.12 12.00 11.07
CA GLY A 142 -5.52 12.17 10.66
C GLY A 142 -5.70 13.40 9.78
N VAL A 143 -4.91 14.43 10.03
CA VAL A 143 -4.91 15.62 9.17
C VAL A 143 -4.41 15.21 7.78
N PHE A 144 -3.32 14.44 7.74
CA PHE A 144 -2.87 13.93 6.45
C PHE A 144 -3.95 13.13 5.70
N ARG A 145 -4.59 12.17 6.36
CA ARG A 145 -5.63 11.38 5.70
C ARG A 145 -6.76 12.28 5.22
N GLY A 146 -7.19 13.20 6.08
CA GLY A 146 -8.27 14.13 5.75
C GLY A 146 -7.93 15.02 4.56
N ASN A 147 -6.64 15.37 4.43
CA ASN A 147 -6.18 16.13 3.25
C ASN A 147 -6.42 15.36 1.95
N GLN A 148 -6.43 14.04 2.02
CA GLN A 148 -6.68 13.25 0.80
C GLN A 148 -8.14 13.40 0.36
N THR A 149 -9.03 13.51 1.34
CA THR A 149 -10.44 13.80 1.08
C THR A 149 -10.60 15.23 0.55
N LEU A 150 -9.89 16.18 1.15
CA LEU A 150 -9.99 17.58 0.74
C LEU A 150 -9.67 17.72 -0.75
N LEU A 151 -8.62 17.04 -1.20
CA LEU A 151 -8.27 17.05 -2.62
C LEU A 151 -9.37 16.51 -3.53
N GLN A 152 -10.19 15.62 -2.98
CA GLN A 152 -11.29 15.01 -3.74
C GLN A 152 -12.57 15.83 -3.69
N LEU A 153 -12.62 16.84 -2.82
CA LEU A 153 -13.75 17.77 -2.73
C LEU A 153 -13.64 18.91 -3.73
N LEU A 154 -12.40 19.28 -4.05
CA LEU A 154 -12.13 20.28 -5.08
C LEU A 154 -12.42 19.69 -6.47
N PRO A 155 -12.64 20.54 -7.48
CA PRO A 155 -12.98 20.06 -8.82
C PRO A 155 -11.92 19.18 -9.44
N ALA A 156 -12.36 18.22 -10.26
CA ALA A 156 -11.45 17.51 -11.10
C ALA A 156 -10.64 18.58 -11.83
N GLY A 157 -9.33 18.37 -11.88
CA GLY A 157 -8.40 19.34 -12.41
C GLY A 157 -7.41 19.69 -11.33
N ILE A 158 -7.88 19.65 -10.08
CA ILE A 158 -7.00 19.94 -8.94
C ILE A 158 -5.85 18.93 -8.83
N GLU A 159 -6.06 17.73 -9.38
CA GLU A 159 -5.08 16.62 -9.33
C GLU A 159 -4.01 16.75 -10.37
N LYS A 160 -4.16 17.70 -11.28
CA LYS A 160 -3.19 17.88 -12.34
C LYS A 160 -1.85 18.31 -11.77
N ASN A 161 -0.78 17.87 -12.42
CA ASN A 161 0.56 18.26 -12.01
C ASN A 161 1.01 19.53 -12.75
N THR A 162 0.14 20.06 -13.61
CA THR A 162 0.42 21.31 -14.31
C THR A 162 -0.79 22.23 -14.14
N VAL A 163 -0.58 23.53 -14.33
CA VAL A 163 -1.63 24.53 -14.09
C VAL A 163 -2.85 24.34 -14.99
N VAL A 164 -4.02 24.34 -14.36
CA VAL A 164 -5.31 24.20 -15.05
C VAL A 164 -6.03 25.55 -15.05
N SER A 165 -6.40 26.00 -16.25
CA SER A 165 -7.12 27.26 -16.40
C SER A 165 -8.60 26.97 -16.67
N GLY A 166 -9.44 27.98 -16.41
CA GLY A 166 -10.85 27.90 -16.75
C GLY A 166 -11.69 27.03 -15.83
N VAL A 167 -11.14 26.70 -14.65
CA VAL A 167 -11.89 25.97 -13.64
C VAL A 167 -11.94 26.79 -12.36
N GLN A 168 -13.15 27.10 -11.90
CA GLN A 168 -13.32 27.78 -10.62
C GLN A 168 -13.06 26.76 -9.52
N TRP A 169 -12.18 27.12 -8.59
CA TRP A 169 -11.75 26.16 -7.58
C TRP A 169 -12.70 26.21 -6.39
N VAL A 170 -13.82 25.52 -6.54
CA VAL A 170 -14.89 25.57 -5.54
C VAL A 170 -15.03 24.28 -4.75
N ILE A 171 -15.52 24.40 -3.53
CA ILE A 171 -15.85 23.26 -2.68
C ILE A 171 -17.24 23.47 -2.15
N PRO A 172 -18.12 22.45 -2.25
CA PRO A 172 -19.46 22.70 -1.75
C PRO A 172 -19.41 22.83 -0.22
N HIS A 173 -20.26 23.70 0.31
CA HIS A 173 -20.53 23.71 1.74
C HIS A 173 -20.86 22.28 2.16
N SER A 174 -20.08 21.73 3.09
CA SER A 174 -20.19 20.30 3.39
C SER A 174 -19.64 19.91 4.74
N ASN A 175 -20.06 18.74 5.21
CA ASN A 175 -19.66 18.23 6.50
C ASN A 175 -19.31 16.76 6.34
N ILE A 176 -18.07 16.43 6.68
CA ILE A 176 -17.60 15.05 6.59
C ILE A 176 -17.05 14.63 7.94
N SER A 177 -17.39 13.41 8.38
CA SER A 177 -16.67 12.77 9.48
C SER A 177 -16.15 11.45 8.95
N ASP A 178 -14.99 11.02 9.46
CA ASP A 178 -14.38 9.84 8.87
C ASP A 178 -13.38 9.18 9.80
N LYS A 179 -13.24 7.86 9.62
CA LYS A 179 -12.26 7.02 10.31
C LYS A 179 -12.19 5.70 9.55
N PRO A 180 -11.06 4.98 9.65
CA PRO A 180 -10.97 3.70 8.94
C PRO A 180 -11.59 2.53 9.70
N GLU A 181 -12.03 1.53 8.95
CA GLU A 181 -12.54 0.29 9.54
C GLU A 181 -11.38 -0.61 10.01
N TYR A 182 -10.34 -0.70 9.17
CA TYR A 182 -9.15 -1.48 9.48
C TYR A 182 -7.91 -0.62 9.62
N GLU A 183 -7.05 -1.02 10.56
CA GLU A 183 -5.80 -0.32 10.83
C GLU A 183 -4.73 -0.48 9.74
N TYR A 184 -4.70 -1.66 9.12
CA TYR A 184 -3.69 -2.01 8.12
C TYR A 184 -4.34 -2.03 6.75
N ARG A 185 -3.94 -1.10 5.88
CA ARG A 185 -4.49 -1.02 4.54
C ARG A 185 -3.31 -0.86 3.60
N GLY A 186 -2.83 -1.98 3.07
CA GLY A 186 -1.51 -1.97 2.43
C GLY A 186 -1.44 -2.30 0.96
N LEU A 187 -0.29 -1.96 0.39
CA LEU A 187 0.06 -2.38 -0.97
C LEU A 187 1.43 -3.03 -0.91
N MET A 188 1.56 -4.19 -1.53
CA MET A 188 2.86 -4.82 -1.74
C MET A 188 3.28 -4.65 -3.20
N LEU A 189 4.52 -4.23 -3.41
CA LEU A 189 5.11 -4.27 -4.73
C LEU A 189 6.25 -5.27 -4.78
N ASP A 190 6.18 -6.18 -5.75
CA ASP A 190 7.26 -7.12 -6.04
C ASP A 190 8.27 -6.41 -6.94
N VAL A 191 9.46 -6.12 -6.38
CA VAL A 191 10.54 -5.50 -7.16
C VAL A 191 11.63 -6.53 -7.51
N ALA A 192 11.37 -7.79 -7.14
CA ALA A 192 12.29 -8.91 -7.42
C ALA A 192 12.10 -9.47 -8.83
N ARG A 193 10.85 -9.71 -9.23
CA ARG A 193 10.58 -10.32 -10.54
C ARG A 193 10.90 -9.37 -11.68
N HIS A 194 10.48 -8.12 -11.53
CA HIS A 194 11.00 -7.04 -12.36
C HIS A 194 11.33 -5.90 -11.44
N PHE A 195 12.44 -5.23 -11.75
CA PHE A 195 12.92 -4.10 -10.95
C PHE A 195 12.22 -2.80 -11.34
N PHE A 196 11.90 -2.00 -10.34
CA PHE A 196 11.38 -0.64 -10.54
C PHE A 196 12.22 0.39 -9.81
N THR A 197 12.40 1.54 -10.46
CA THR A 197 13.31 2.57 -9.96
C THR A 197 12.77 3.21 -8.69
N VAL A 198 13.65 3.85 -7.94
CA VAL A 198 13.22 4.61 -6.78
C VAL A 198 12.09 5.58 -7.15
N ASP A 199 12.25 6.31 -8.27
CA ASP A 199 11.20 7.23 -8.71
C ASP A 199 9.87 6.53 -8.95
N GLU A 200 9.93 5.36 -9.59
CA GLU A 200 8.71 4.59 -9.89
C GLU A 200 8.02 4.10 -8.61
N VAL A 201 8.83 3.67 -7.66
CA VAL A 201 8.34 3.22 -6.36
C VAL A 201 7.72 4.36 -5.58
N LYS A 202 8.42 5.50 -5.52
CA LYS A 202 7.88 6.69 -4.86
C LYS A 202 6.54 7.07 -5.49
N ARG A 203 6.46 7.01 -6.82
CA ARG A 203 5.21 7.36 -7.49
C ARG A 203 4.06 6.45 -7.06
N GLN A 204 4.30 5.14 -7.00
CA GLN A 204 3.23 4.24 -6.59
C GLN A 204 2.83 4.48 -5.14
N ILE A 205 3.82 4.79 -4.30
CA ILE A 205 3.53 5.13 -2.89
C ILE A 205 2.66 6.39 -2.82
N ASP A 206 3.05 7.40 -3.60
CA ASP A 206 2.31 8.67 -3.63
C ASP A 206 0.87 8.47 -4.10
N LEU A 207 0.69 7.76 -5.23
CA LEU A 207 -0.65 7.53 -5.76
C LEU A 207 -1.49 6.76 -4.74
N ALA A 208 -0.94 5.70 -4.17
CA ALA A 208 -1.67 4.91 -3.18
C ALA A 208 -2.09 5.74 -1.98
N SER A 209 -1.21 6.64 -1.54
CA SER A 209 -1.47 7.45 -0.35
C SER A 209 -2.73 8.30 -0.51
N GLN A 210 -3.03 8.67 -1.77
CA GLN A 210 -4.19 9.53 -2.08
C GLN A 210 -5.51 8.79 -1.85
N TYR A 211 -5.43 7.46 -1.70
CA TYR A 211 -6.61 6.64 -1.46
C TYR A 211 -6.57 6.02 -0.06
N LYS A 212 -5.75 6.63 0.81
CA LYS A 212 -5.65 6.29 2.23
C LYS A 212 -5.01 4.92 2.51
N ILE A 213 -4.30 4.38 1.52
CA ILE A 213 -3.41 3.27 1.78
C ILE A 213 -2.34 3.80 2.76
N ASN A 214 -2.06 3.02 3.80
CA ASN A 214 -1.16 3.47 4.85
C ASN A 214 0.01 2.54 5.14
N LYS A 215 0.18 1.51 4.31
CA LYS A 215 1.28 0.55 4.48
C LYS A 215 1.81 0.18 3.12
N PHE A 216 3.14 0.03 3.03
CA PHE A 216 3.79 -0.37 1.78
C PHE A 216 4.78 -1.48 2.09
N HIS A 217 4.49 -2.66 1.56
CA HIS A 217 5.29 -3.87 1.77
C HIS A 217 6.16 -4.06 0.53
N MET A 218 7.49 -4.07 0.72
CA MET A 218 8.40 -4.22 -0.42
C MET A 218 8.91 -5.65 -0.47
N HIS A 219 8.60 -6.35 -1.56
CA HIS A 219 9.08 -7.72 -1.74
C HIS A 219 10.43 -7.59 -2.43
N LEU A 220 11.49 -7.59 -1.62
CA LEU A 220 12.82 -7.15 -2.04
C LEU A 220 13.71 -8.28 -2.56
N SER A 221 13.24 -9.52 -2.45
CA SER A 221 14.09 -10.66 -2.85
C SER A 221 13.21 -11.82 -3.25
N ASP A 222 13.66 -12.55 -4.26
CA ASP A 222 12.97 -13.76 -4.65
C ASP A 222 13.94 -14.61 -5.46
N ASP A 223 13.40 -15.51 -6.28
CA ASP A 223 14.28 -16.40 -7.03
C ASP A 223 15.06 -15.68 -8.13
N GLN A 224 14.44 -14.67 -8.73
CA GLN A 224 14.98 -14.05 -9.94
C GLN A 224 15.82 -12.79 -9.68
N GLY A 225 15.85 -12.34 -8.43
CA GLY A 225 16.63 -11.15 -8.09
C GLY A 225 16.62 -10.83 -6.61
N TRP A 226 17.72 -10.19 -6.20
CA TRP A 226 17.91 -9.64 -4.86
C TRP A 226 18.10 -8.14 -4.99
N ARG A 227 17.31 -7.33 -4.25
CA ARG A 227 17.21 -5.90 -4.55
C ARG A 227 17.70 -4.94 -3.47
N ILE A 228 18.25 -5.47 -2.36
CA ILE A 228 18.70 -4.57 -1.30
C ILE A 228 20.18 -4.79 -0.99
N GLU A 229 20.95 -3.70 -1.04
CA GLU A 229 22.37 -3.74 -0.65
C GLU A 229 22.55 -4.30 0.77
N ILE A 230 23.38 -5.34 0.88
CA ILE A 230 23.81 -5.91 2.16
C ILE A 230 25.35 -5.89 2.16
N LYS A 231 25.90 -4.93 2.89
CA LYS A 231 27.35 -4.67 2.84
C LYS A 231 28.21 -5.86 3.26
N SER A 232 27.71 -6.67 4.20
CA SER A 232 28.46 -7.85 4.68
C SER A 232 28.42 -9.03 3.70
N TRP A 233 27.50 -9.00 2.73
CA TRP A 233 27.39 -10.02 1.71
C TRP A 233 27.24 -9.33 0.35
N PRO A 234 28.31 -8.67 -0.12
CA PRO A 234 28.22 -7.78 -1.30
C PRO A 234 27.80 -8.46 -2.61
N ASP A 235 28.02 -9.77 -2.73
CA ASP A 235 27.63 -10.45 -3.98
C ASP A 235 26.13 -10.67 -4.13
N LEU A 236 25.36 -10.43 -3.08
CA LEU A 236 23.90 -10.38 -3.23
C LEU A 236 23.51 -9.36 -4.31
N ILE A 237 24.23 -8.25 -4.34
CA ILE A 237 24.07 -7.24 -5.38
C ILE A 237 24.94 -7.52 -6.61
N GLU A 238 26.22 -7.77 -6.38
CA GLU A 238 27.14 -7.95 -7.50
C GLU A 238 26.76 -9.09 -8.44
N ILE A 239 26.15 -10.13 -7.88
CA ILE A 239 25.66 -11.26 -8.66
C ILE A 239 24.13 -11.31 -8.65
N GLY A 240 23.56 -11.29 -7.45
CA GLY A 240 22.13 -11.56 -7.28
C GLY A 240 21.15 -10.53 -7.82
N SER A 241 21.62 -9.32 -8.10
CA SER A 241 20.74 -8.25 -8.57
C SER A 241 20.77 -8.07 -10.09
N LYS A 242 21.63 -8.82 -10.78
CA LYS A 242 21.95 -8.52 -12.19
C LYS A 242 20.98 -9.08 -13.23
N GLY A 243 19.86 -9.64 -12.77
CA GLY A 243 18.86 -10.18 -13.66
C GLY A 243 17.47 -9.94 -13.13
N GLN A 244 16.50 -10.55 -13.81
CA GLN A 244 15.10 -10.48 -13.44
C GLN A 244 14.37 -11.47 -14.35
N VAL A 245 13.06 -11.61 -14.16
CA VAL A 245 12.27 -12.45 -15.07
C VAL A 245 12.47 -12.00 -16.52
N GLY A 246 12.71 -12.96 -17.40
CA GLY A 246 12.84 -12.70 -18.82
C GLY A 246 14.24 -12.29 -19.24
N GLY A 247 15.16 -12.22 -18.27
CA GLY A 247 16.54 -11.81 -18.54
C GLY A 247 16.63 -10.32 -18.82
N GLY A 248 17.83 -9.78 -18.72
CA GLY A 248 17.99 -8.34 -18.80
C GLY A 248 18.61 -7.83 -17.51
N PRO A 249 18.63 -6.49 -17.33
CA PRO A 249 19.62 -5.92 -16.42
C PRO A 249 19.31 -6.06 -14.93
N GLY A 250 18.04 -6.05 -14.55
CA GLY A 250 17.69 -6.03 -13.13
C GLY A 250 17.97 -4.67 -12.50
N GLY A 251 18.59 -4.69 -11.32
CA GLY A 251 18.83 -3.46 -10.57
C GLY A 251 18.73 -3.71 -9.07
N TYR A 252 18.95 -2.66 -8.29
CA TYR A 252 18.85 -2.78 -6.84
C TYR A 252 18.76 -1.41 -6.20
N TYR A 253 18.42 -1.40 -4.90
CA TYR A 253 18.48 -0.20 -4.06
C TYR A 253 19.67 -0.27 -3.12
N THR A 254 20.49 0.79 -3.13
CA THR A 254 21.47 0.98 -2.06
C THR A 254 20.72 1.18 -0.74
N GLN A 255 21.42 1.01 0.37
CA GLN A 255 20.81 1.30 1.66
C GLN A 255 20.35 2.74 1.75
N GLU A 256 21.10 3.67 1.15
CA GLU A 256 20.69 5.08 1.13
C GLU A 256 19.38 5.27 0.35
N GLN A 257 19.25 4.59 -0.79
CA GLN A 257 18.01 4.67 -1.57
C GLN A 257 16.84 4.10 -0.79
N PHE A 258 17.06 2.99 -0.09
CA PHE A 258 15.98 2.40 0.72
C PHE A 258 15.56 3.40 1.82
N LYS A 259 16.52 4.03 2.48
CA LYS A 259 16.20 5.04 3.49
C LYS A 259 15.39 6.18 2.87
N ASP A 260 15.70 6.54 1.63
CA ASP A 260 15.00 7.62 0.93
C ASP A 260 13.55 7.23 0.69
N ILE A 261 13.34 5.98 0.27
CA ILE A 261 11.98 5.47 0.10
C ILE A 261 11.21 5.51 1.44
N VAL A 262 11.84 5.04 2.50
CA VAL A 262 11.23 5.06 3.83
C VAL A 262 10.83 6.48 4.24
N SER A 263 11.74 7.43 4.01
CA SER A 263 11.50 8.82 4.38
C SER A 263 10.33 9.38 3.58
N TYR A 264 10.30 9.07 2.28
CA TYR A 264 9.24 9.55 1.39
C TYR A 264 7.88 8.99 1.84
N ALA A 265 7.84 7.69 2.16
CA ALA A 265 6.65 7.06 2.71
C ALA A 265 6.24 7.70 4.04
N ALA A 266 7.21 8.00 4.90
CA ALA A 266 6.92 8.58 6.22
C ALA A 266 6.21 9.92 6.13
N GLU A 267 6.53 10.71 5.11
CA GLU A 267 5.86 12.00 4.86
C GLU A 267 4.38 11.84 4.55
N ARG A 268 4.00 10.63 4.12
CA ARG A 268 2.62 10.27 3.83
C ARG A 268 2.04 9.36 4.89
N TYR A 269 2.72 9.27 6.04
CA TYR A 269 2.27 8.44 7.16
C TYR A 269 2.07 6.99 6.70
N ILE A 270 2.99 6.54 5.85
CA ILE A 270 3.00 5.17 5.36
C ILE A 270 4.19 4.43 5.96
N GLU A 271 3.87 3.33 6.66
CA GLU A 271 4.88 2.41 7.17
C GLU A 271 5.39 1.53 6.05
N VAL A 272 6.71 1.40 5.96
CA VAL A 272 7.33 0.50 4.97
C VAL A 272 7.77 -0.77 5.67
N ILE A 273 7.28 -1.91 5.18
CA ILE A 273 7.67 -3.20 5.72
C ILE A 273 8.47 -3.95 4.66
N PRO A 274 9.77 -4.14 4.90
CA PRO A 274 10.62 -4.82 3.94
C PRO A 274 10.48 -6.33 4.08
N GLU A 275 10.47 -7.05 2.96
CA GLU A 275 10.46 -8.51 3.01
C GLU A 275 11.71 -9.12 2.41
N ILE A 276 12.35 -10.01 3.19
CA ILE A 276 13.35 -10.93 2.66
C ILE A 276 12.73 -12.32 2.78
N ASP A 277 12.29 -12.87 1.66
CA ASP A 277 11.55 -14.14 1.66
C ASP A 277 12.50 -15.29 2.00
N MET A 278 12.09 -16.13 2.95
CA MET A 278 12.87 -17.30 3.38
C MET A 278 11.95 -18.34 4.04
N PRO A 279 12.34 -19.64 4.02
CA PRO A 279 13.54 -20.23 3.41
C PRO A 279 13.39 -20.50 1.90
N GLY A 280 12.18 -20.36 1.39
CA GLY A 280 11.91 -20.55 -0.04
C GLY A 280 12.05 -19.23 -0.78
N HIS A 281 11.87 -19.28 -2.10
CA HIS A 281 12.00 -18.09 -2.93
C HIS A 281 13.35 -17.41 -2.75
N THR A 282 14.39 -18.24 -2.63
CA THR A 282 15.72 -17.75 -2.26
C THR A 282 16.78 -17.99 -3.34
N ASN A 283 16.37 -18.33 -4.56
CA ASN A 283 17.39 -18.63 -5.57
C ASN A 283 18.41 -17.52 -5.80
N ALA A 284 18.00 -16.26 -5.75
CA ALA A 284 18.96 -15.18 -6.01
C ALA A 284 20.12 -15.19 -4.98
N ALA A 285 19.79 -15.39 -3.70
CA ALA A 285 20.83 -15.55 -2.66
C ALA A 285 21.72 -16.77 -2.96
N LEU A 286 21.07 -17.86 -3.35
CA LEU A 286 21.76 -19.13 -3.64
C LEU A 286 22.64 -19.05 -4.88
N ALA A 287 22.26 -18.16 -5.78
CA ALA A 287 23.07 -17.87 -6.97
C ALA A 287 24.24 -16.93 -6.67
N SER A 288 24.20 -16.26 -5.52
CA SER A 288 25.23 -15.27 -5.16
C SER A 288 26.37 -15.87 -4.35
N TYR A 289 26.01 -16.81 -3.48
CA TYR A 289 26.95 -17.42 -2.55
C TYR A 289 26.87 -18.93 -2.56
N GLY A 290 27.93 -19.56 -3.06
CA GLY A 290 27.97 -21.02 -3.12
C GLY A 290 27.84 -21.69 -1.77
N GLU A 291 28.34 -21.04 -0.73
CA GLU A 291 28.34 -21.62 0.62
C GLU A 291 26.94 -21.78 1.21
N LEU A 292 25.95 -21.14 0.58
CA LEU A 292 24.57 -21.29 1.01
C LEU A 292 23.92 -22.55 0.44
N ASN A 293 24.68 -23.30 -0.38
CA ASN A 293 24.19 -24.51 -1.07
C ASN A 293 24.91 -25.76 -0.57
N PRO A 294 24.22 -26.91 -0.50
CA PRO A 294 24.86 -28.13 -0.02
C PRO A 294 26.15 -28.51 -0.76
N ASP A 295 26.19 -28.34 -2.08
CA ASP A 295 27.40 -28.70 -2.84
C ASP A 295 28.46 -27.58 -2.87
N GLY A 296 28.19 -26.46 -2.19
CA GLY A 296 29.12 -25.34 -2.13
C GLY A 296 29.26 -24.51 -3.40
N LYS A 297 28.44 -24.81 -4.41
CA LYS A 297 28.50 -24.12 -5.71
C LYS A 297 27.33 -23.14 -5.82
N ARG A 298 27.57 -22.01 -6.50
CA ARG A 298 26.47 -21.07 -6.80
C ARG A 298 25.44 -21.72 -7.70
N LYS A 299 24.16 -21.47 -7.43
CA LYS A 299 23.10 -21.82 -8.39
C LYS A 299 23.22 -20.89 -9.60
N ALA A 300 22.81 -21.38 -10.77
CA ALA A 300 22.65 -20.50 -11.93
C ALA A 300 21.48 -19.58 -11.60
N MET A 301 21.53 -18.36 -12.11
CA MET A 301 20.42 -17.42 -11.96
C MET A 301 19.20 -17.95 -12.72
N ARG A 302 18.02 -17.64 -12.21
CA ARG A 302 16.76 -18.10 -12.82
C ARG A 302 15.99 -16.89 -13.37
N THR A 303 15.52 -17.02 -14.60
CA THR A 303 14.79 -15.92 -15.26
C THR A 303 13.38 -16.36 -15.68
N ASP A 304 13.01 -17.58 -15.29
CA ASP A 304 11.67 -18.11 -15.56
C ASP A 304 10.72 -17.65 -14.45
N THR A 305 9.50 -18.19 -14.43
CA THR A 305 8.51 -17.78 -13.44
C THR A 305 8.03 -18.91 -12.51
N ALA A 306 8.69 -20.07 -12.55
CA ALA A 306 8.37 -21.17 -11.65
C ALA A 306 8.58 -20.74 -10.20
N VAL A 307 7.82 -21.34 -9.29
CA VAL A 307 7.98 -21.08 -7.85
C VAL A 307 8.10 -22.42 -7.12
N GLY A 308 8.62 -22.35 -5.89
CA GLY A 308 8.51 -23.47 -4.94
C GLY A 308 9.75 -24.35 -4.81
N TYR A 309 10.71 -24.18 -5.71
CA TYR A 309 11.79 -25.14 -5.85
C TYR A 309 13.03 -24.87 -5.00
N SER A 310 13.15 -23.64 -4.52
CA SER A 310 14.39 -23.20 -3.87
C SER A 310 14.31 -23.28 -2.35
N THR A 311 15.45 -23.52 -1.72
CA THR A 311 15.52 -23.56 -0.26
C THR A 311 16.89 -23.19 0.27
N LEU A 312 16.90 -22.45 1.39
CA LEU A 312 18.11 -22.34 2.20
C LEU A 312 18.35 -23.67 2.91
N MET A 313 19.58 -23.87 3.40
CA MET A 313 19.92 -25.09 4.15
C MET A 313 19.43 -24.93 5.58
N PRO A 314 18.36 -25.64 5.95
CA PRO A 314 17.77 -25.36 7.26
C PRO A 314 18.59 -25.84 8.47
N ARG A 315 19.57 -26.72 8.25
CA ARG A 315 20.35 -27.29 9.35
C ARG A 315 21.83 -26.92 9.28
N ALA A 316 22.15 -25.86 8.55
CA ALA A 316 23.53 -25.36 8.46
C ALA A 316 23.61 -24.01 9.17
N GLU A 317 24.58 -23.87 10.08
CA GLU A 317 24.72 -22.61 10.81
C GLU A 317 25.03 -21.42 9.91
N ILE A 318 25.71 -21.65 8.79
CA ILE A 318 25.98 -20.56 7.84
C ILE A 318 24.68 -19.89 7.37
N THR A 319 23.62 -20.68 7.27
CA THR A 319 22.31 -20.15 6.89
C THR A 319 21.87 -19.08 7.88
N TYR A 320 21.99 -19.38 9.18
CA TYR A 320 21.54 -18.47 10.24
C TYR A 320 22.47 -17.28 10.42
N GLN A 321 23.76 -17.48 10.14
CA GLN A 321 24.69 -16.36 10.08
C GLN A 321 24.32 -15.39 8.96
N PHE A 322 24.06 -15.93 7.78
CA PHE A 322 23.59 -15.16 6.64
C PHE A 322 22.31 -14.38 6.99
N VAL A 323 21.32 -15.09 7.52
CA VAL A 323 20.05 -14.42 7.86
C VAL A 323 20.29 -13.32 8.90
N GLU A 324 21.11 -13.60 9.91
CA GLU A 324 21.39 -12.57 10.93
C GLU A 324 22.07 -11.34 10.35
N ASP A 325 23.03 -11.55 9.46
CA ASP A 325 23.69 -10.41 8.82
C ASP A 325 22.70 -9.55 8.03
N VAL A 326 21.83 -10.20 7.27
CA VAL A 326 20.81 -9.51 6.49
C VAL A 326 19.85 -8.75 7.40
N ILE A 327 19.33 -9.45 8.41
CA ILE A 327 18.42 -8.82 9.37
C ILE A 327 19.06 -7.65 10.14
N SER A 328 20.30 -7.81 10.59
CA SER A 328 21.01 -6.73 11.27
C SER A 328 21.06 -5.47 10.41
N GLU A 329 21.44 -5.63 9.14
CA GLU A 329 21.62 -4.47 8.27
C GLU A 329 20.29 -3.83 7.89
N LEU A 330 19.30 -4.67 7.61
CA LEU A 330 17.96 -4.18 7.28
C LEU A 330 17.31 -3.49 8.49
N ALA A 331 17.44 -4.08 9.67
CA ALA A 331 16.89 -3.49 10.87
C ALA A 331 17.45 -2.09 11.13
N ALA A 332 18.75 -1.92 10.84
CA ALA A 332 19.43 -0.64 11.07
C ALA A 332 18.88 0.49 10.20
N ILE A 333 18.26 0.14 9.07
CA ILE A 333 17.81 1.14 8.10
C ILE A 333 16.29 1.16 7.91
N SER A 334 15.58 0.31 8.66
CA SER A 334 14.13 0.17 8.52
C SER A 334 13.44 0.44 9.85
N PRO A 335 12.87 1.65 10.02
CA PRO A 335 12.26 1.99 11.32
C PRO A 335 10.98 1.25 11.68
N SER A 336 10.27 0.69 10.70
CA SER A 336 9.09 -0.12 11.05
C SER A 336 9.42 -1.15 12.13
N PRO A 337 8.52 -1.35 13.11
CA PRO A 337 8.75 -2.43 14.07
C PRO A 337 8.64 -3.84 13.46
N TYR A 338 8.22 -3.94 12.20
CA TYR A 338 8.06 -5.21 11.51
C TYR A 338 9.09 -5.49 10.42
N ILE A 339 9.53 -6.75 10.35
CA ILE A 339 10.23 -7.23 9.16
C ILE A 339 9.44 -8.43 8.65
N HIS A 340 9.26 -8.52 7.33
CA HIS A 340 8.52 -9.63 6.73
C HIS A 340 9.57 -10.65 6.30
N LEU A 341 9.46 -11.89 6.78
CA LEU A 341 10.42 -12.93 6.44
C LEU A 341 9.84 -13.96 5.46
N GLY A 342 8.71 -13.63 4.87
CA GLY A 342 8.18 -14.48 3.81
C GLY A 342 7.62 -15.78 4.35
N GLY A 343 8.14 -16.90 3.85
CA GLY A 343 7.71 -18.22 4.33
C GLY A 343 6.73 -18.96 3.42
N ASP A 344 6.48 -18.42 2.23
CA ASP A 344 5.57 -19.04 1.27
C ASP A 344 6.28 -20.08 0.40
N GLU A 345 5.55 -21.13 0.04
CA GLU A 345 5.98 -22.03 -1.03
C GLU A 345 7.39 -22.56 -0.83
N SER A 346 7.67 -22.98 0.40
CA SER A 346 8.95 -23.64 0.66
C SER A 346 8.81 -25.13 0.38
N ASN A 347 8.51 -25.46 -0.88
CA ASN A 347 8.19 -26.83 -1.26
C ASN A 347 9.40 -27.74 -1.37
N ALA A 348 10.60 -27.17 -1.24
CA ALA A 348 11.82 -27.96 -1.15
C ALA A 348 12.34 -28.03 0.29
N THR A 349 11.49 -27.63 1.24
CA THR A 349 11.82 -27.65 2.66
C THR A 349 10.83 -28.56 3.36
N SER A 350 11.32 -29.52 4.15
CA SER A 350 10.41 -30.43 4.85
C SER A 350 9.60 -29.64 5.87
N ALA A 351 8.44 -30.15 6.25
CA ALA A 351 7.62 -29.51 7.28
C ALA A 351 8.41 -29.32 8.58
N ALA A 352 9.16 -30.36 8.99
CA ALA A 352 9.95 -30.31 10.21
C ALA A 352 11.01 -29.20 10.11
N ASP A 353 11.70 -29.13 8.99
CA ASP A 353 12.75 -28.12 8.79
C ASP A 353 12.17 -26.71 8.70
N TYR A 354 10.97 -26.60 8.12
CA TYR A 354 10.30 -25.30 8.02
C TYR A 354 9.92 -24.77 9.40
N ASP A 355 9.36 -25.64 10.23
CA ASP A 355 8.97 -25.26 11.57
C ASP A 355 10.20 -24.72 12.32
N TYR A 356 11.29 -25.49 12.23
CA TYR A 356 12.53 -25.18 12.90
C TYR A 356 13.15 -23.88 12.38
N PHE A 357 13.26 -23.79 11.05
CA PHE A 357 13.85 -22.64 10.38
C PHE A 357 13.11 -21.35 10.73
N PHE A 358 11.79 -21.36 10.56
CA PHE A 358 11.05 -20.13 10.78
C PHE A 358 11.11 -19.66 12.24
N GLY A 359 11.09 -20.63 13.16
CA GLY A 359 11.31 -20.32 14.58
C GLY A 359 12.66 -19.67 14.84
N ARG A 360 13.72 -20.25 14.27
CA ARG A 360 15.06 -19.68 14.43
C ARG A 360 15.20 -18.27 13.89
N VAL A 361 14.66 -18.01 12.70
CA VAL A 361 14.80 -16.67 12.14
C VAL A 361 13.92 -15.63 12.85
N THR A 362 12.80 -16.08 13.43
CA THR A 362 11.96 -15.20 14.25
C THR A 362 12.75 -14.77 15.50
N ALA A 363 13.45 -15.71 16.13
CA ALA A 363 14.33 -15.38 17.28
C ALA A 363 15.37 -14.33 16.89
N ILE A 364 16.00 -14.49 15.72
CA ILE A 364 16.98 -13.52 15.23
C ILE A 364 16.33 -12.14 15.06
N ALA A 365 15.21 -12.10 14.34
CA ALA A 365 14.51 -10.83 14.11
C ALA A 365 14.17 -10.14 15.44
N ASN A 366 13.63 -10.91 16.37
CA ASN A 366 13.21 -10.36 17.67
C ASN A 366 14.41 -9.80 18.44
N SER A 367 15.55 -10.49 18.34
CA SER A 367 16.79 -10.04 18.99
C SER A 367 17.31 -8.70 18.45
N TYR A 368 16.93 -8.39 17.21
CA TYR A 368 17.22 -7.08 16.60
C TYR A 368 16.04 -6.11 16.71
N GLY A 369 15.11 -6.45 17.61
CA GLY A 369 14.01 -5.54 17.97
C GLY A 369 12.87 -5.47 16.97
N LYS A 370 12.76 -6.48 16.09
CA LYS A 370 11.72 -6.50 15.07
C LYS A 370 10.77 -7.68 15.24
N LYS A 371 9.47 -7.39 15.08
CA LYS A 371 8.44 -8.41 15.03
C LYS A 371 8.37 -8.98 13.62
N VAL A 372 8.00 -10.25 13.51
CA VAL A 372 7.99 -10.91 12.21
C VAL A 372 6.60 -11.00 11.59
N VAL A 373 6.51 -10.61 10.31
CA VAL A 373 5.36 -10.91 9.47
C VAL A 373 5.75 -12.08 8.56
N GLY A 374 4.82 -12.97 8.27
CA GLY A 374 5.12 -14.07 7.36
C GLY A 374 3.87 -14.57 6.65
N TRP A 375 4.04 -15.05 5.42
CA TRP A 375 2.94 -15.65 4.67
C TRP A 375 2.50 -16.94 5.36
N ASP A 376 1.22 -17.33 5.24
CA ASP A 376 0.88 -18.70 5.67
C ASP A 376 1.73 -19.72 4.87
N PRO A 377 2.14 -20.82 5.50
CA PRO A 377 1.80 -21.32 6.84
C PRO A 377 2.77 -20.93 7.97
N SER A 378 3.41 -19.77 7.88
CA SER A 378 4.47 -19.45 8.85
C SER A 378 3.97 -19.33 10.29
N ASP A 379 2.68 -19.05 10.47
CA ASP A 379 2.08 -19.01 11.81
C ASP A 379 2.16 -20.33 12.55
N THR A 380 2.23 -21.43 11.80
CA THR A 380 2.34 -22.77 12.40
C THR A 380 3.70 -23.06 13.04
N SER A 381 4.70 -22.21 12.79
CA SER A 381 6.01 -22.45 13.38
C SER A 381 5.93 -22.38 14.90
N SER A 382 6.49 -23.39 15.56
CA SER A 382 6.50 -23.41 17.03
C SER A 382 7.28 -22.24 17.63
N GLY A 383 8.10 -21.57 16.79
CA GLY A 383 8.88 -20.40 17.23
C GLY A 383 8.18 -19.05 17.09
N ALA A 384 6.98 -19.04 16.51
CA ALA A 384 6.19 -17.80 16.44
C ALA A 384 5.83 -17.30 17.85
N THR A 385 5.56 -16.00 17.97
CA THR A 385 5.01 -15.44 19.21
C THR A 385 3.70 -14.75 18.88
N SER A 386 2.97 -14.34 19.91
CA SER A 386 1.74 -13.57 19.72
C SER A 386 1.99 -12.22 19.03
N ASP A 387 3.26 -11.79 19.01
CA ASP A 387 3.64 -10.54 18.34
C ASP A 387 3.90 -10.73 16.82
N SER A 388 4.09 -11.97 16.41
CA SER A 388 4.24 -12.26 14.98
C SER A 388 2.90 -11.99 14.28
N VAL A 389 2.97 -11.71 13.00
CA VAL A 389 1.78 -11.40 12.20
C VAL A 389 1.69 -12.41 11.05
N LEU A 390 0.48 -12.88 10.78
CA LEU A 390 0.26 -13.77 9.65
C LEU A 390 -0.29 -12.97 8.49
N GLN A 391 0.34 -13.11 7.33
CA GLN A 391 -0.28 -12.64 6.11
C GLN A 391 -0.95 -13.84 5.46
N ASN A 392 -2.28 -13.84 5.54
CA ASN A 392 -3.11 -14.95 5.09
C ASN A 392 -3.45 -14.72 3.63
N TRP A 393 -2.73 -15.42 2.75
CA TRP A 393 -3.00 -15.36 1.30
C TRP A 393 -3.84 -16.53 0.83
N THR A 394 -3.71 -17.69 1.48
CA THR A 394 -4.44 -18.88 1.05
C THR A 394 -5.96 -18.75 1.29
N CYS A 395 -6.32 -18.23 2.47
CA CYS A 395 -7.72 -17.96 2.82
C CYS A 395 -8.59 -19.22 2.74
N SER A 396 -8.04 -20.32 3.25
CA SER A 396 -8.77 -21.59 3.37
C SER A 396 -9.34 -21.71 4.77
N ALA A 397 -10.27 -22.64 4.97
CA ALA A 397 -10.87 -22.86 6.28
C ALA A 397 -9.84 -23.14 7.39
N SER A 398 -8.73 -23.77 7.04
CA SER A 398 -7.73 -24.13 8.05
C SER A 398 -6.61 -23.11 8.18
N THR A 399 -6.48 -22.21 7.20
CA THR A 399 -5.41 -21.22 7.25
C THR A 399 -5.55 -20.34 8.49
N GLY A 400 -4.45 -20.12 9.21
CA GLY A 400 -4.48 -19.23 10.37
C GLY A 400 -5.09 -19.82 11.62
N THR A 401 -5.26 -21.14 11.63
CA THR A 401 -5.70 -21.84 12.85
C THR A 401 -4.67 -21.60 13.95
N ALA A 402 -3.39 -21.76 13.61
CA ALA A 402 -2.29 -21.49 14.53
C ALA A 402 -2.31 -20.02 14.98
N ALA A 403 -2.33 -19.09 14.02
CA ALA A 403 -2.35 -17.66 14.34
C ALA A 403 -3.46 -17.34 15.33
N LYS A 404 -4.67 -17.83 15.05
CA LYS A 404 -5.80 -17.53 15.91
C LYS A 404 -5.57 -18.04 17.34
N ALA A 405 -5.07 -19.28 17.45
CA ALA A 405 -4.81 -19.90 18.76
C ALA A 405 -3.72 -19.14 19.52
N LYS A 406 -2.78 -18.57 18.79
CA LYS A 406 -1.64 -17.84 19.37
C LYS A 406 -1.91 -16.36 19.61
N GLY A 407 -3.06 -15.87 19.17
CA GLY A 407 -3.41 -14.46 19.33
C GLY A 407 -2.67 -13.54 18.38
N MET A 408 -2.24 -14.08 17.24
CA MET A 408 -1.52 -13.28 16.24
C MET A 408 -2.48 -12.50 15.34
N LYS A 409 -2.15 -11.22 15.09
CA LYS A 409 -2.84 -10.37 14.12
C LYS A 409 -2.75 -11.01 12.75
N VAL A 410 -3.78 -10.81 11.93
CA VAL A 410 -3.83 -11.35 10.57
C VAL A 410 -4.08 -10.25 9.54
N ILE A 411 -3.23 -10.23 8.52
CA ILE A 411 -3.42 -9.40 7.33
C ILE A 411 -3.94 -10.31 6.23
N VAL A 412 -5.06 -9.94 5.60
CA VAL A 412 -5.64 -10.80 4.56
C VAL A 412 -5.29 -10.34 3.15
N SER A 413 -4.96 -11.31 2.31
CA SER A 413 -4.67 -11.07 0.90
C SER A 413 -5.33 -12.19 0.08
N PRO A 414 -6.67 -12.16 -0.02
CA PRO A 414 -7.38 -13.17 -0.79
C PRO A 414 -7.18 -13.00 -2.30
N ALA A 415 -7.79 -13.88 -3.10
CA ALA A 415 -7.78 -13.70 -4.55
C ALA A 415 -8.19 -12.28 -4.93
N ASN A 416 -9.18 -11.74 -4.23
CA ASN A 416 -9.73 -10.40 -4.53
C ASN A 416 -8.72 -9.28 -4.32
N ALA A 417 -7.60 -9.60 -3.66
CA ALA A 417 -6.51 -8.65 -3.37
C ALA A 417 -5.24 -8.97 -4.17
N TYR A 418 -5.28 -10.03 -4.98
CA TYR A 418 -4.16 -10.37 -5.86
C TYR A 418 -4.31 -9.59 -7.16
N LEU A 419 -3.83 -8.35 -7.12
CA LEU A 419 -4.09 -7.40 -8.20
C LEU A 419 -3.27 -7.69 -9.45
N ASP A 420 -2.32 -8.63 -9.34
CA ASP A 420 -1.60 -9.14 -10.53
C ASP A 420 -2.45 -10.07 -11.40
N MET A 421 -3.61 -10.50 -10.91
CA MET A 421 -4.51 -11.34 -11.72
C MET A 421 -5.09 -10.50 -12.86
N LYS A 422 -5.15 -11.11 -14.04
CA LYS A 422 -5.85 -10.51 -15.18
C LYS A 422 -7.24 -10.00 -14.78
N TYR A 423 -7.65 -8.87 -15.34
CA TYR A 423 -9.04 -8.42 -15.21
C TYR A 423 -9.99 -9.43 -15.88
N TYR A 424 -9.60 -9.92 -17.04
CA TYR A 424 -10.42 -10.80 -17.89
C TYR A 424 -9.52 -11.80 -18.59
N SER A 425 -10.13 -12.86 -19.12
CA SER A 425 -9.40 -13.85 -19.90
C SER A 425 -8.44 -13.21 -20.93
N ASP A 426 -8.88 -12.12 -21.57
CA ASP A 426 -8.08 -11.51 -22.63
C ASP A 426 -7.15 -10.37 -22.21
N SER A 427 -6.94 -10.18 -20.90
CA SER A 427 -5.99 -9.13 -20.46
C SER A 427 -4.62 -9.41 -21.06
N PRO A 428 -3.94 -8.35 -21.54
CA PRO A 428 -2.64 -8.53 -22.19
C PRO A 428 -1.46 -8.80 -21.24
N ILE A 429 -1.68 -8.55 -19.95
CA ILE A 429 -0.70 -8.80 -18.88
C ILE A 429 -1.45 -9.39 -17.67
N GLY A 430 -0.71 -9.98 -16.74
CA GLY A 430 -1.29 -10.57 -15.55
C GLY A 430 -1.19 -12.09 -15.53
N LEU A 431 -1.36 -12.65 -14.35
CA LEU A 431 -1.46 -14.09 -14.17
C LEU A 431 -2.93 -14.45 -13.96
N GLN A 432 -3.22 -15.74 -13.74
CA GLN A 432 -4.61 -16.14 -13.59
C GLN A 432 -4.77 -17.38 -12.73
N TRP A 433 -3.78 -17.66 -11.89
CA TRP A 433 -3.87 -18.86 -11.05
C TRP A 433 -4.93 -18.77 -9.94
N ARG A 434 -5.35 -17.53 -9.61
CA ARG A 434 -6.46 -17.32 -8.67
C ARG A 434 -7.73 -16.92 -9.41
N GLY A 435 -7.76 -17.19 -10.71
CA GLY A 435 -8.86 -16.73 -11.57
C GLY A 435 -8.68 -15.27 -11.97
N PHE A 436 -9.69 -14.69 -12.61
CA PHE A 436 -9.62 -13.29 -13.03
C PHE A 436 -10.14 -12.41 -11.91
N VAL A 437 -9.57 -11.22 -11.78
CA VAL A 437 -10.02 -10.27 -10.78
C VAL A 437 -10.29 -8.92 -11.44
N ASN A 438 -11.55 -8.66 -11.79
CA ASN A 438 -11.91 -7.35 -12.33
C ASN A 438 -12.19 -6.36 -11.17
N THR A 439 -12.57 -5.14 -11.53
CA THR A 439 -12.78 -4.09 -10.54
C THR A 439 -13.92 -4.45 -9.56
N ASN A 440 -14.94 -5.12 -10.08
CA ASN A 440 -16.04 -5.63 -9.27
C ASN A 440 -15.61 -6.70 -8.26
N ARG A 441 -14.86 -7.71 -8.73
CA ARG A 441 -14.33 -8.73 -7.82
C ARG A 441 -13.39 -8.14 -6.76
N ALA A 442 -12.65 -7.10 -7.15
CA ALA A 442 -11.72 -6.47 -6.22
C ALA A 442 -12.49 -5.67 -5.13
N TYR A 443 -13.78 -5.44 -5.37
CA TYR A 443 -14.64 -4.71 -4.42
C TYR A 443 -15.55 -5.61 -3.57
N ASN A 444 -16.11 -6.64 -4.22
CA ASN A 444 -17.20 -7.43 -3.63
C ASN A 444 -16.73 -8.57 -2.72
N TRP A 445 -16.14 -8.19 -1.61
CA TRP A 445 -15.65 -9.12 -0.61
C TRP A 445 -15.48 -8.39 0.71
N ASP A 446 -15.25 -9.17 1.77
CA ASP A 446 -14.98 -8.60 3.09
C ASP A 446 -13.86 -9.39 3.73
N PRO A 447 -12.99 -8.73 4.54
CA PRO A 447 -11.91 -9.48 5.18
C PRO A 447 -12.38 -10.69 5.99
N THR A 448 -13.57 -10.60 6.59
CA THR A 448 -14.12 -11.74 7.34
C THR A 448 -14.51 -12.94 6.44
N ASP A 449 -14.61 -12.72 5.12
CA ASP A 449 -14.76 -13.82 4.16
C ASP A 449 -13.53 -14.74 4.15
N CYS A 450 -12.34 -14.14 4.34
CA CYS A 450 -11.07 -14.87 4.19
C CYS A 450 -10.80 -15.74 5.40
N ILE A 451 -11.08 -15.21 6.59
CA ILE A 451 -10.82 -15.91 7.84
C ILE A 451 -11.84 -15.50 8.89
N LYS A 452 -12.35 -16.49 9.62
CA LYS A 452 -13.32 -16.28 10.70
C LYS A 452 -12.64 -16.45 12.04
N GLY A 453 -13.05 -15.66 13.03
CA GLY A 453 -12.62 -15.83 14.41
C GLY A 453 -11.23 -15.31 14.69
N ALA A 454 -10.74 -14.43 13.81
CA ALA A 454 -9.38 -13.89 13.94
C ALA A 454 -9.39 -12.42 14.34
N ASN A 455 -8.23 -11.96 14.80
CA ASN A 455 -7.97 -10.54 14.98
C ASN A 455 -7.46 -10.07 13.64
N ILE A 456 -8.36 -9.48 12.84
CA ILE A 456 -7.97 -9.02 11.50
C ILE A 456 -7.39 -7.60 11.58
N TYR A 457 -6.08 -7.55 11.37
CA TYR A 457 -5.32 -6.30 11.38
C TYR A 457 -5.71 -5.46 10.17
N GLY A 458 -5.87 -6.11 9.03
CA GLY A 458 -6.32 -5.41 7.83
C GLY A 458 -6.12 -6.19 6.56
N VAL A 459 -5.89 -5.44 5.48
CA VAL A 459 -5.92 -5.95 4.11
C VAL A 459 -4.61 -5.55 3.47
N GLU A 460 -4.07 -6.41 2.61
CA GLU A 460 -2.97 -5.99 1.74
C GLU A 460 -3.16 -6.47 0.31
N SER A 461 -3.14 -5.51 -0.61
CA SER A 461 -3.21 -5.76 -2.05
C SER A 461 -1.83 -6.14 -2.50
N THR A 462 -1.68 -7.27 -3.19
CA THR A 462 -0.35 -7.71 -3.60
C THR A 462 -0.17 -7.57 -5.09
N LEU A 463 0.84 -6.80 -5.50
CA LEU A 463 1.16 -6.70 -6.92
C LEU A 463 2.47 -7.42 -7.24
N TRP A 464 2.33 -8.71 -7.54
CA TRP A 464 3.43 -9.53 -8.04
C TRP A 464 3.78 -9.09 -9.46
N THR A 465 5.05 -9.27 -9.87
CA THR A 465 5.45 -8.64 -11.14
C THR A 465 6.05 -9.57 -12.19
N GLU A 466 5.69 -10.85 -12.15
CA GLU A 466 6.14 -11.80 -13.19
C GLU A 466 5.95 -11.26 -14.61
N THR A 467 4.83 -10.56 -14.82
CA THR A 467 4.46 -10.14 -16.18
C THR A 467 4.37 -8.63 -16.36
N PHE A 468 4.82 -7.87 -15.35
CA PHE A 468 4.78 -6.41 -15.41
C PHE A 468 6.21 -5.89 -15.49
N VAL A 469 6.48 -5.15 -16.56
CA VAL A 469 7.81 -4.68 -16.89
C VAL A 469 7.92 -3.16 -16.75
N THR A 470 6.85 -2.46 -17.12
CA THR A 470 6.87 -1.00 -17.21
C THR A 470 5.95 -0.34 -16.17
N GLN A 471 6.17 0.95 -15.94
CA GLN A 471 5.26 1.71 -15.07
C GLN A 471 3.83 1.63 -15.59
N ASP A 472 3.64 1.74 -16.91
CA ASP A 472 2.28 1.63 -17.46
C ASP A 472 1.60 0.33 -17.05
N HIS A 473 2.36 -0.78 -17.02
CA HIS A 473 1.79 -2.07 -16.59
C HIS A 473 1.31 -2.02 -15.15
N LEU A 474 2.13 -1.42 -14.28
CA LEU A 474 1.73 -1.23 -12.88
C LEU A 474 0.43 -0.44 -12.80
N ASP A 475 0.37 0.69 -13.51
CA ASP A 475 -0.82 1.56 -13.48
C ASP A 475 -2.06 0.82 -13.92
N TYR A 476 -1.92 0.06 -15.01
CA TYR A 476 -3.03 -0.64 -15.64
C TYR A 476 -3.66 -1.62 -14.67
N MET A 477 -2.81 -2.31 -13.91
CA MET A 477 -3.28 -3.38 -13.03
C MET A 477 -3.72 -2.85 -11.66
N LEU A 478 -3.08 -1.80 -11.19
CA LEU A 478 -3.45 -1.22 -9.89
C LEU A 478 -4.64 -0.29 -9.97
N TYR A 479 -4.89 0.27 -11.14
CA TYR A 479 -5.98 1.24 -11.28
C TYR A 479 -6.93 0.79 -12.40
N PRO A 480 -8.21 0.56 -12.06
CA PRO A 480 -8.87 0.88 -10.78
C PRO A 480 -8.90 -0.17 -9.65
N LYS A 481 -8.27 -1.33 -9.83
CA LYS A 481 -8.38 -2.44 -8.84
C LYS A 481 -8.06 -2.03 -7.41
N LEU A 482 -6.97 -1.27 -7.25
CA LEU A 482 -6.53 -0.86 -5.90
C LEU A 482 -7.57 0.03 -5.22
N LEU A 483 -8.31 0.82 -6.01
CA LEU A 483 -9.38 1.68 -5.45
C LEU A 483 -10.43 0.82 -4.75
N SER A 484 -10.78 -0.29 -5.38
CA SER A 484 -11.72 -1.24 -4.78
C SER A 484 -11.19 -1.79 -3.45
N ASN A 485 -9.95 -2.31 -3.47
CA ASN A 485 -9.33 -2.84 -2.24
C ASN A 485 -9.20 -1.76 -1.15
N ALA A 486 -8.84 -0.53 -1.55
CA ALA A 486 -8.70 0.58 -0.60
C ALA A 486 -10.00 0.88 0.13
N GLU A 487 -11.12 0.79 -0.60
CA GLU A 487 -12.41 1.01 0.02
C GLU A 487 -12.79 -0.15 0.95
N VAL A 488 -12.46 -1.38 0.54
CA VAL A 488 -12.70 -2.54 1.41
C VAL A 488 -11.95 -2.38 2.74
N GLY A 489 -10.75 -1.77 2.71
CA GLY A 489 -9.97 -1.58 3.93
C GLY A 489 -10.48 -0.44 4.80
N TRP A 490 -10.99 0.61 4.17
CA TRP A 490 -11.33 1.84 4.87
C TRP A 490 -12.81 1.88 5.29
N THR A 491 -13.70 1.61 4.34
CA THR A 491 -15.14 1.81 4.52
C THR A 491 -15.78 0.60 5.19
N ALA A 492 -16.65 0.85 6.16
CA ALA A 492 -17.30 -0.25 6.88
C ALA A 492 -18.17 -1.08 5.93
N ARG A 493 -18.21 -2.39 6.16
CA ARG A 493 -18.96 -3.31 5.28
C ARG A 493 -20.41 -2.87 5.05
N GLY A 494 -21.06 -2.38 6.09
CA GLY A 494 -22.46 -1.93 6.02
C GLY A 494 -22.70 -0.77 5.06
N ASP A 495 -21.64 -0.03 4.77
CA ASP A 495 -21.68 1.14 3.88
C ASP A 495 -21.09 0.87 2.50
N ARG A 496 -20.69 -0.36 2.23
CA ARG A 496 -20.13 -0.72 0.93
C ARG A 496 -21.19 -1.33 0.03
N ASN A 497 -21.21 -0.88 -1.21
CA ASN A 497 -22.22 -1.29 -2.16
C ASN A 497 -21.62 -1.08 -3.56
N TRP A 498 -21.57 -2.14 -4.35
CA TRP A 498 -20.95 -2.06 -5.68
C TRP A 498 -21.62 -1.03 -6.59
N ASP A 499 -22.95 -1.03 -6.65
CA ASP A 499 -23.65 -0.06 -7.50
C ASP A 499 -23.27 1.38 -7.14
N ASP A 500 -23.17 1.66 -5.84
CA ASP A 500 -22.72 2.96 -5.36
C ASP A 500 -21.28 3.24 -5.79
N PHE A 501 -20.36 2.33 -5.46
CA PHE A 501 -18.95 2.49 -5.77
C PHE A 501 -18.71 2.65 -7.26
N LYS A 502 -19.37 1.81 -8.06
CA LYS A 502 -19.25 1.86 -9.51
C LYS A 502 -19.55 3.27 -10.03
N GLU A 503 -20.68 3.83 -9.61
CA GLU A 503 -21.04 5.16 -10.12
C GLU A 503 -20.06 6.23 -9.63
N ARG A 504 -19.63 6.15 -8.36
CA ARG A 504 -18.58 7.03 -7.84
C ARG A 504 -17.28 6.90 -8.64
N LEU A 505 -16.96 5.67 -9.04
CA LEU A 505 -15.74 5.43 -9.81
C LEU A 505 -15.81 6.05 -11.20
N ILE A 506 -16.96 5.93 -11.86
CA ILE A 506 -17.19 6.60 -13.14
C ILE A 506 -16.91 8.09 -12.97
N GLU A 507 -17.50 8.68 -11.93
CA GLU A 507 -17.34 10.10 -11.65
C GLU A 507 -15.87 10.48 -11.37
N HIS A 508 -15.13 9.55 -10.78
CA HIS A 508 -13.73 9.76 -10.40
C HIS A 508 -12.77 9.67 -11.59
N THR A 509 -13.22 9.05 -12.69
CA THR A 509 -12.33 8.76 -13.82
C THR A 509 -11.44 9.93 -14.29
N PRO A 510 -12.03 11.13 -14.48
CA PRO A 510 -11.18 12.24 -14.91
C PRO A 510 -10.02 12.50 -13.96
N ARG A 511 -10.22 12.19 -12.68
CA ARG A 511 -9.17 12.42 -11.70
C ARG A 511 -7.97 11.49 -11.94
N LEU A 512 -8.26 10.23 -12.29
CA LEU A 512 -7.21 9.27 -12.66
C LEU A 512 -6.43 9.75 -13.87
N GLN A 513 -7.16 10.20 -14.90
CA GLN A 513 -6.59 10.80 -16.12
C GLN A 513 -5.66 11.97 -15.74
N ASN A 514 -6.17 12.87 -14.90
CA ASN A 514 -5.44 14.08 -14.51
C ASN A 514 -4.14 13.79 -13.78
N LYS A 515 -4.12 12.69 -13.04
CA LYS A 515 -2.94 12.23 -12.31
C LYS A 515 -1.90 11.55 -13.21
N GLY A 516 -2.28 11.31 -14.46
CA GLY A 516 -1.40 10.62 -15.39
C GLY A 516 -1.33 9.12 -15.15
N ILE A 517 -2.35 8.59 -14.49
CA ILE A 517 -2.40 7.14 -14.23
C ILE A 517 -2.88 6.45 -15.50
N LYS A 518 -2.10 5.50 -16.01
CA LYS A 518 -2.49 4.80 -17.23
C LYS A 518 -3.37 3.59 -16.86
N PHE A 519 -4.56 3.92 -16.32
CA PHE A 519 -5.50 2.92 -15.80
C PHE A 519 -6.14 2.09 -16.91
N PHE A 520 -6.70 0.95 -16.51
CA PHE A 520 -7.53 0.15 -17.42
C PHE A 520 -8.98 0.63 -17.33
N ALA A 521 -9.56 0.99 -18.48
CA ALA A 521 -10.97 1.38 -18.53
C ALA A 521 -11.84 0.11 -18.47
N ASP A 522 -12.07 -0.37 -17.26
CA ASP A 522 -12.74 -1.66 -17.05
C ASP A 522 -14.18 -1.63 -17.58
N PRO A 523 -14.52 -2.56 -18.49
CA PRO A 523 -15.89 -2.58 -19.06
C PRO A 523 -17.03 -2.91 -18.08
N ILE A 524 -16.69 -3.32 -16.85
CA ILE A 524 -17.71 -3.56 -15.84
C ILE A 524 -18.04 -2.25 -15.08
N VAL A 525 -17.30 -1.19 -15.37
CA VAL A 525 -17.53 0.12 -14.77
C VAL A 525 -18.21 1.06 -15.78
S SO4 B . -8.41 -19.10 -4.37
O1 SO4 B . -9.69 -19.08 -5.09
O2 SO4 B . -8.53 -18.25 -3.18
O3 SO4 B . -8.09 -20.48 -3.98
O4 SO4 B . -7.35 -18.57 -5.22
C1 NAG C . 2.25 -16.76 -5.38
C2 NAG C . 3.70 -16.63 -4.92
C3 NAG C . 4.43 -15.41 -5.51
C4 NAG C . 3.95 -15.15 -6.94
C5 NAG C . 2.43 -14.94 -6.92
C6 NAG C . 1.88 -14.55 -8.27
C7 NAG C . 2.61 -15.81 -2.91
C8 NAG C . 2.63 -15.64 -1.41
N2 NAG C . 3.61 -16.52 -3.46
O1 NAG C . 1.84 -18.08 -5.35
O3 NAG C . 5.82 -15.65 -5.48
O4 NAG C . 4.59 -14.02 -7.48
O5 NAG C . 1.82 -16.18 -6.58
O6 NAG C . 0.48 -14.34 -8.16
O7 NAG C . 1.71 -15.29 -3.58
#